data_8YKI
#
_entry.id   8YKI
#
_cell.length_a   214.362
_cell.length_b   50.260
_cell.length_c   64.906
_cell.angle_alpha   90.000
_cell.angle_beta   107.000
_cell.angle_gamma   90.000
#
_symmetry.space_group_name_H-M   'C 1 2 1'
#
loop_
_entity.id
_entity.type
_entity.pdbx_description
1 polymer 'Fibroblast growth factor receptor 1'
2 non-polymer Tasurgratinib
3 non-polymer 'CHLORIDE ION'
4 water water
#
_entity_poly.entity_id   1
_entity_poly.type   'polypeptide(L)'
_entity_poly.pdbx_seq_one_letter_code
;GGSSEYELPEDPRWELPRDRLVLGKPLGEGAFGQVVLAEAIGLDKDKPNRVTKVAVKMLKSDATEKDLSDLISEMEMMKM
IGKHKNIINLLGACTQDGPLYVIVEYASKGNLREYLQARRPPGLEYCYNPSHNPEEQLSSKDLVSCAYQVARGMEYLASK
KCIHRDLAARNVLVTEDNVMKIADFGLARDIHHIDYYKKTTNGRLPVKWMAPEALFDRIYTHQSDVWSFGVLLWEIFTLG
GSPYPGVPVEELFKLLKEGHRMDKPSNCTNELYMMMRDCWHAVPSQRPTFKQLVEDLDRIVALTSNQEYLDLSMPLD
;
_entity_poly.pdbx_strand_id   A,B
#
loop_
_chem_comp.id
_chem_comp.type
_chem_comp.name
_chem_comp.formula
A1LY1 non-polymer Tasurgratinib 'C32 H37 N5 O6'
CL non-polymer 'CHLORIDE ION' 'Cl -1'
#
# COMPACT_ATOMS: atom_id res chain seq x y z
N GLU A 7 38.94 -3.37 -27.13
CA GLU A 7 39.17 -2.20 -26.19
C GLU A 7 38.15 -1.08 -26.49
N LEU A 8 37.39 -0.67 -25.46
CA LEU A 8 36.27 0.26 -25.62
C LEU A 8 36.75 1.71 -25.38
N PRO A 9 36.17 2.71 -26.10
CA PRO A 9 36.61 4.10 -25.91
C PRO A 9 36.07 4.69 -24.60
N GLU A 10 36.89 5.48 -23.91
CA GLU A 10 36.48 6.10 -22.64
C GLU A 10 35.58 7.33 -22.89
N ASP A 11 34.60 7.50 -22.00
CA ASP A 11 33.62 8.59 -22.02
C ASP A 11 33.62 9.20 -20.59
N PRO A 12 34.36 10.31 -20.38
CA PRO A 12 34.42 11.02 -19.08
C PRO A 12 33.08 11.38 -18.41
N ARG A 13 32.03 11.63 -19.20
CA ARG A 13 30.69 11.94 -18.69
C ARG A 13 30.11 10.84 -17.77
N TRP A 14 30.31 9.58 -18.18
CA TRP A 14 29.75 8.39 -17.52
C TRP A 14 30.73 7.48 -16.80
N GLU A 15 32.05 7.67 -16.97
CA GLU A 15 33.04 6.67 -16.46
C GLU A 15 33.17 6.76 -14.95
N LEU A 16 32.82 5.68 -14.26
CA LEU A 16 33.09 5.50 -12.82
C LEU A 16 34.34 4.60 -12.65
N PRO A 17 35.28 4.97 -11.75
CA PRO A 17 36.37 4.05 -11.40
C PRO A 17 35.87 2.77 -10.69
N ARG A 18 36.51 1.64 -10.99
CA ARG A 18 36.09 0.32 -10.43
C ARG A 18 36.23 0.20 -8.91
N ASP A 19 37.25 0.85 -8.35
CA ASP A 19 37.40 0.95 -6.88
C ASP A 19 36.30 1.76 -6.15
N ARG A 20 35.46 2.49 -6.89
CA ARG A 20 34.23 3.13 -6.37
C ARG A 20 32.96 2.27 -6.42
N LEU A 21 33.05 0.99 -6.80
CA LEU A 21 31.89 0.11 -6.98
C LEU A 21 32.08 -1.24 -6.26
N VAL A 22 31.31 -1.44 -5.18
CA VAL A 22 31.34 -2.67 -4.38
C VAL A 22 30.19 -3.59 -4.84
N LEU A 23 30.54 -4.68 -5.51
CA LEU A 23 29.54 -5.60 -6.09
C LEU A 23 28.95 -6.51 -5.01
N GLY A 24 27.63 -6.71 -5.10
CA GLY A 24 26.83 -7.44 -4.10
C GLY A 24 26.16 -8.67 -4.70
N LYS A 25 24.99 -9.01 -4.15
CA LYS A 25 24.24 -10.22 -4.55
C LYS A 25 23.75 -10.17 -6.02
N PRO A 26 23.62 -11.35 -6.68
CA PRO A 26 22.94 -11.37 -8.00
C PRO A 26 21.44 -11.07 -7.91
N LEU A 27 20.95 -10.20 -8.81
CA LEU A 27 19.55 -9.76 -8.88
C LEU A 27 18.76 -10.52 -9.93
N GLY A 28 19.32 -10.62 -11.14
CA GLY A 28 18.71 -11.33 -12.26
C GLY A 28 19.73 -11.94 -13.22
N GLU A 29 19.31 -13.03 -13.88
CA GLU A 29 20.17 -13.88 -14.70
C GLU A 29 19.79 -13.72 -16.17
N PHE A 32 19.48 -12.50 -20.62
CA PHE A 32 20.15 -11.80 -21.73
C PHE A 32 21.19 -10.78 -21.20
N GLY A 33 22.13 -11.33 -20.43
CA GLY A 33 23.14 -10.55 -19.66
C GLY A 33 22.84 -10.63 -18.18
N GLN A 34 23.91 -10.63 -17.37
CA GLN A 34 23.84 -10.85 -15.93
C GLN A 34 23.71 -9.51 -15.23
N VAL A 35 22.90 -9.45 -14.18
CA VAL A 35 22.76 -8.23 -13.35
C VAL A 35 23.07 -8.59 -11.89
N VAL A 36 23.77 -7.69 -11.19
CA VAL A 36 24.06 -7.80 -9.76
C VAL A 36 23.73 -6.49 -9.03
N LEU A 37 23.35 -6.61 -7.75
CA LEU A 37 23.23 -5.46 -6.85
C LEU A 37 24.64 -4.95 -6.54
N ALA A 38 24.76 -3.65 -6.34
CA ALA A 38 26.03 -3.05 -5.92
C ALA A 38 25.84 -1.71 -5.21
N GLU A 39 26.92 -1.24 -4.59
CA GLU A 39 26.99 0.06 -3.95
C GLU A 39 28.05 0.91 -4.64
N ALA A 40 27.64 2.08 -5.14
CA ALA A 40 28.54 3.05 -5.78
C ALA A 40 28.92 4.16 -4.77
N ILE A 41 30.21 4.48 -4.68
CA ILE A 41 30.74 5.48 -3.73
C ILE A 41 31.03 6.77 -4.52
N GLY A 42 30.33 7.86 -4.16
CA GLY A 42 30.55 9.18 -4.74
C GLY A 42 30.16 9.32 -6.21
N LEU A 43 28.89 9.06 -6.53
CA LEU A 43 28.35 9.31 -7.87
C LEU A 43 28.06 10.79 -8.09
N ASP A 44 27.29 11.37 -7.17
CA ASP A 44 27.07 12.82 -7.15
C ASP A 44 28.32 13.43 -6.53
N LYS A 45 29.10 14.15 -7.34
CA LYS A 45 30.37 14.78 -6.87
C LYS A 45 30.20 15.91 -5.84
N ASP A 46 28.98 16.46 -5.73
CA ASP A 46 28.56 17.31 -4.57
C ASP A 46 28.83 16.63 -3.23
N LYS A 47 28.41 15.36 -3.11
CA LYS A 47 28.60 14.54 -1.91
C LYS A 47 29.40 13.24 -2.25
N PRO A 48 30.75 13.33 -2.29
CA PRO A 48 31.58 12.17 -2.68
C PRO A 48 31.69 11.02 -1.65
N ASN A 49 31.35 11.28 -0.38
CA ASN A 49 31.31 10.25 0.68
C ASN A 49 30.00 9.45 0.78
N ARG A 50 28.97 9.82 0.01
CA ARG A 50 27.67 9.13 0.05
C ARG A 50 27.74 7.83 -0.75
N VAL A 51 27.13 6.77 -0.21
CA VAL A 51 26.95 5.49 -0.90
C VAL A 51 25.56 5.51 -1.56
N THR A 52 25.49 4.99 -2.79
CA THR A 52 24.25 4.84 -3.54
C THR A 52 24.11 3.37 -3.97
N LYS A 53 22.94 2.78 -3.68
CA LYS A 53 22.61 1.42 -4.12
C LYS A 53 22.25 1.46 -5.60
N VAL A 54 22.90 0.59 -6.39
CA VAL A 54 22.77 0.55 -7.84
C VAL A 54 22.68 -0.88 -8.37
N ALA A 55 22.07 -1.01 -9.55
CA ALA A 55 22.06 -2.25 -10.32
C ALA A 55 23.15 -2.12 -11.38
N VAL A 56 23.92 -3.21 -11.57
CA VAL A 56 25.06 -3.24 -12.46
C VAL A 56 24.84 -4.40 -13.43
N LYS A 57 24.46 -4.08 -14.67
CA LYS A 57 24.34 -5.08 -15.75
C LYS A 57 25.73 -5.34 -16.34
N MET A 58 26.01 -6.62 -16.60
CA MET A 58 27.26 -7.08 -17.24
C MET A 58 27.01 -8.31 -18.13
N LEU A 59 28.02 -8.69 -18.90
CA LEU A 59 27.97 -9.93 -19.69
C LEU A 59 28.11 -11.16 -18.81
N LYS A 60 27.57 -12.28 -19.28
CA LYS A 60 27.82 -13.60 -18.68
C LYS A 60 29.23 -14.06 -19.02
N SER A 61 29.70 -15.07 -18.29
CA SER A 61 31.04 -15.65 -18.50
C SER A 61 31.25 -16.26 -19.90
N ASP A 62 30.19 -16.89 -20.43
CA ASP A 62 30.19 -17.51 -21.77
C ASP A 62 29.49 -16.62 -22.83
N ALA A 63 29.87 -15.34 -22.85
CA ALA A 63 29.26 -14.33 -23.74
C ALA A 63 30.07 -14.18 -25.03
N THR A 64 29.37 -13.98 -26.14
CA THR A 64 29.98 -13.83 -27.46
C THR A 64 30.46 -12.39 -27.70
N GLU A 65 31.11 -12.17 -28.85
CA GLU A 65 31.44 -10.83 -29.35
C GLU A 65 30.18 -10.01 -29.70
N LYS A 66 29.15 -10.67 -30.24
CA LYS A 66 27.85 -10.03 -30.52
C LYS A 66 27.12 -9.55 -29.26
N ASP A 67 27.23 -10.31 -28.17
CA ASP A 67 26.67 -9.90 -26.86
C ASP A 67 27.30 -8.62 -26.31
N LEU A 68 28.62 -8.48 -26.46
CA LEU A 68 29.34 -7.26 -26.10
C LEU A 68 28.88 -6.06 -26.93
N SER A 69 28.74 -6.27 -28.24
CA SER A 69 28.24 -5.24 -29.18
C SER A 69 26.83 -4.74 -28.83
N ASP A 70 25.95 -5.68 -28.46
CA ASP A 70 24.59 -5.35 -27.98
C ASP A 70 24.61 -4.54 -26.69
N LEU A 71 25.43 -4.98 -25.72
CA LEU A 71 25.54 -4.30 -24.43
C LEU A 71 26.17 -2.89 -24.53
N ILE A 72 27.13 -2.72 -25.45
CA ILE A 72 27.67 -1.40 -25.79
C ILE A 72 26.56 -0.54 -26.41
N SER A 73 25.88 -1.07 -27.44
CA SER A 73 24.74 -0.39 -28.11
C SER A 73 23.65 0.05 -27.14
N GLU A 74 23.33 -0.84 -26.20
CA GLU A 74 22.39 -0.55 -25.10
C GLU A 74 22.83 0.63 -24.24
N MET A 75 24.13 0.66 -23.90
CA MET A 75 24.71 1.76 -23.13
C MET A 75 24.66 3.10 -23.87
N GLU A 76 25.04 3.09 -25.16
CA GLU A 76 25.02 4.30 -26.00
C GLU A 76 23.61 4.86 -26.21
N MET A 77 22.63 3.97 -26.39
CA MET A 77 21.20 4.34 -26.45
C MET A 77 20.75 5.09 -25.19
N MET A 78 21.08 4.54 -24.01
CA MET A 78 20.71 5.14 -22.73
C MET A 78 21.32 6.53 -22.46
N LYS A 79 22.52 6.78 -23.00
CA LYS A 79 23.12 8.13 -22.96
C LYS A 79 22.30 9.16 -23.72
N MET A 80 21.88 8.81 -24.94
CA MET A 80 21.08 9.68 -25.83
C MET A 80 19.69 10.05 -25.28
N ILE A 81 19.01 9.09 -24.63
CA ILE A 81 17.60 9.25 -24.22
C ILE A 81 17.40 10.30 -23.12
N GLY A 82 18.33 10.38 -22.16
CA GLY A 82 18.24 11.37 -21.08
C GLY A 82 17.35 10.93 -19.93
N LYS A 83 17.32 11.75 -18.88
CA LYS A 83 16.72 11.38 -17.59
C LYS A 83 15.21 11.63 -17.51
N HIS A 84 14.46 10.63 -17.05
CA HIS A 84 13.05 10.79 -16.65
C HIS A 84 12.74 9.97 -15.39
N LYS A 85 11.80 10.46 -14.59
CA LYS A 85 11.38 9.84 -13.30
C LYS A 85 10.88 8.40 -13.45
N ASN A 86 10.16 8.10 -14.53
CA ASN A 86 9.53 6.78 -14.76
C ASN A 86 10.26 5.87 -15.79
N ILE A 87 11.59 5.97 -15.87
CA ILE A 87 12.44 5.00 -16.59
C ILE A 87 13.68 4.67 -15.75
N ILE A 88 14.25 3.48 -16.02
CA ILE A 88 15.53 3.07 -15.44
C ILE A 88 16.60 3.93 -16.11
N ASN A 89 17.13 4.89 -15.36
CA ASN A 89 18.14 5.83 -15.86
C ASN A 89 19.56 5.27 -15.71
N LEU A 90 20.41 5.60 -16.69
CA LEU A 90 21.85 5.34 -16.60
C LEU A 90 22.43 6.28 -15.55
N LEU A 91 23.26 5.73 -14.66
CA LEU A 91 24.03 6.50 -13.66
C LEU A 91 25.54 6.54 -13.91
N GLY A 92 26.09 5.51 -14.56
CA GLY A 92 27.51 5.48 -14.92
C GLY A 92 27.94 4.18 -15.59
N ALA A 93 29.24 4.00 -15.76
CA ALA A 93 29.81 2.79 -16.37
C ALA A 93 31.30 2.56 -16.08
N CYS A 94 31.72 1.31 -16.18
CA CYS A 94 33.12 0.89 -16.06
C CYS A 94 33.48 0.17 -17.36
N THR A 95 34.15 0.90 -18.27
CA THR A 95 34.53 0.43 -19.60
C THR A 95 36.00 0.00 -19.73
N GLN A 96 36.90 0.62 -18.97
CA GLN A 96 38.36 0.45 -19.13
C GLN A 96 38.92 -0.56 -18.12
N ASP A 97 39.89 -1.36 -18.57
CA ASP A 97 40.70 -2.24 -17.71
C ASP A 97 39.85 -3.21 -16.90
N GLY A 98 39.01 -3.96 -17.62
CA GLY A 98 38.07 -4.92 -17.03
C GLY A 98 36.79 -5.10 -17.82
N PRO A 99 35.83 -5.90 -17.29
CA PRO A 99 34.55 -6.13 -17.97
C PRO A 99 33.64 -4.90 -18.01
N LEU A 100 32.79 -4.84 -19.03
CA LEU A 100 31.81 -3.77 -19.19
C LEU A 100 30.74 -3.89 -18.10
N TYR A 101 30.64 -2.85 -17.26
CA TYR A 101 29.60 -2.73 -16.25
C TYR A 101 28.75 -1.52 -16.61
N VAL A 102 27.44 -1.74 -16.83
CA VAL A 102 26.48 -0.67 -17.11
C VAL A 102 25.71 -0.44 -15.81
N ILE A 103 26.00 0.68 -15.14
CA ILE A 103 25.46 1.01 -13.82
C ILE A 103 24.18 1.82 -14.02
N VAL A 104 23.09 1.38 -13.39
CA VAL A 104 21.77 2.03 -13.47
C VAL A 104 21.15 2.18 -12.08
N GLU A 105 20.01 2.91 -12.03
CA GLU A 105 19.22 3.09 -10.81
C GLU A 105 18.70 1.75 -10.28
N TYR A 106 18.77 1.56 -8.96
CA TYR A 106 18.29 0.34 -8.30
C TYR A 106 16.81 0.51 -7.92
N ALA A 107 16.04 -0.56 -8.13
CA ALA A 107 14.61 -0.65 -7.85
C ALA A 107 14.39 -1.79 -6.85
N SER A 108 14.28 -1.42 -5.57
CA SER A 108 14.28 -2.38 -4.45
C SER A 108 13.11 -3.36 -4.41
N LYS A 109 11.93 -2.96 -4.89
CA LYS A 109 10.71 -3.80 -4.85
C LYS A 109 10.47 -4.73 -6.08
N GLY A 110 11.48 -4.87 -6.96
CA GLY A 110 11.40 -5.82 -8.08
C GLY A 110 10.47 -5.39 -9.20
N ASN A 111 10.22 -6.31 -10.14
CA ASN A 111 9.31 -6.04 -11.26
C ASN A 111 7.83 -5.97 -10.83
N LEU A 112 7.03 -5.29 -11.64
CA LEU A 112 5.64 -4.96 -11.30
C LEU A 112 4.70 -6.19 -11.19
N ARG A 113 4.95 -7.23 -12.00
CA ARG A 113 4.17 -8.48 -11.92
C ARG A 113 4.27 -9.14 -10.54
N GLU A 114 5.50 -9.35 -10.08
CA GLU A 114 5.78 -9.94 -8.75
C GLU A 114 5.30 -9.06 -7.58
N TYR A 115 5.54 -7.75 -7.69
CA TYR A 115 5.02 -6.71 -6.77
C TYR A 115 3.51 -6.80 -6.52
N LEU A 116 2.74 -6.96 -7.60
CA LEU A 116 1.28 -7.10 -7.54
C LEU A 116 0.84 -8.47 -7.01
N GLN A 117 1.46 -9.53 -7.53
CA GLN A 117 1.23 -10.92 -7.08
C GLN A 117 1.46 -11.14 -5.58
N ALA A 118 2.53 -10.54 -5.05
CA ALA A 118 2.84 -10.54 -3.61
C ALA A 118 1.79 -9.79 -2.77
N ARG A 119 1.32 -8.64 -3.29
CA ARG A 119 0.32 -7.79 -2.63
C ARG A 119 -1.17 -8.13 -2.95
N ARG A 120 -1.44 -9.36 -3.41
CA ARG A 120 -2.83 -9.88 -3.53
C ARG A 120 -3.49 -10.09 -2.15
N PRO A 121 -4.84 -10.00 -2.07
CA PRO A 121 -5.53 -10.21 -0.78
C PRO A 121 -5.54 -11.68 -0.29
N GLU A 136 1.18 -5.79 2.22
CA GLU A 136 0.35 -4.61 2.41
C GLU A 136 -0.59 -4.40 1.21
N GLN A 137 -1.83 -4.03 1.49
CA GLN A 137 -2.86 -3.85 0.46
C GLN A 137 -2.65 -2.55 -0.34
N LEU A 138 -2.99 -2.60 -1.63
CA LEU A 138 -2.97 -1.43 -2.53
C LEU A 138 -4.40 -1.04 -2.92
N SER A 139 -4.69 0.25 -2.86
CA SER A 139 -6.03 0.79 -3.16
C SER A 139 -6.30 0.82 -4.67
N SER A 140 -7.51 1.27 -5.03
CA SER A 140 -7.85 1.59 -6.43
C SER A 140 -6.98 2.74 -6.98
N LYS A 141 -6.83 3.80 -6.18
CA LYS A 141 -5.97 4.95 -6.53
C LYS A 141 -4.50 4.58 -6.78
N ASP A 142 -3.97 3.64 -5.99
CA ASP A 142 -2.61 3.11 -6.18
C ASP A 142 -2.41 2.36 -7.52
N LEU A 143 -3.41 1.58 -7.93
CA LEU A 143 -3.36 0.84 -9.22
C LEU A 143 -3.42 1.75 -10.45
N VAL A 144 -4.26 2.80 -10.40
CA VAL A 144 -4.39 3.77 -11.51
C VAL A 144 -3.16 4.71 -11.54
N SER A 145 -2.66 5.10 -10.37
CA SER A 145 -1.37 5.83 -10.23
C SER A 145 -0.21 5.06 -10.88
N CYS A 146 -0.14 3.77 -10.57
CA CYS A 146 0.81 2.83 -11.21
C CYS A 146 0.67 2.80 -12.74
N ALA A 147 -0.56 2.76 -13.25
CA ALA A 147 -0.83 2.82 -14.70
C ALA A 147 -0.45 4.16 -15.34
N TYR A 148 -0.73 5.26 -14.63
CA TYR A 148 -0.36 6.63 -15.04
C TYR A 148 1.16 6.81 -15.20
N GLN A 149 1.92 6.32 -14.22
CA GLN A 149 3.40 6.39 -14.25
C GLN A 149 4.06 5.60 -15.39
N VAL A 150 3.50 4.44 -15.71
CA VAL A 150 3.92 3.67 -16.90
C VAL A 150 3.57 4.41 -18.20
N ALA A 151 2.38 5.02 -18.23
CA ALA A 151 1.99 5.89 -19.36
C ALA A 151 2.89 7.13 -19.53
N ARG A 152 3.23 7.77 -18.41
CA ARG A 152 4.10 8.95 -18.40
C ARG A 152 5.54 8.65 -18.85
N GLY A 153 6.06 7.50 -18.43
CA GLY A 153 7.36 6.99 -18.89
C GLY A 153 7.43 6.61 -20.36
N MET A 154 6.35 6.06 -20.90
CA MET A 154 6.23 5.74 -22.35
C MET A 154 5.96 6.98 -23.23
N GLU A 155 5.27 7.98 -22.68
CA GLU A 155 5.17 9.31 -23.31
C GLU A 155 6.55 9.94 -23.53
N TYR A 156 7.46 9.76 -22.55
CA TYR A 156 8.84 10.26 -22.66
C TYR A 156 9.65 9.49 -23.70
N LEU A 157 9.65 8.16 -23.61
CA LEU A 157 10.36 7.30 -24.57
C LEU A 157 9.90 7.47 -26.03
N ALA A 158 8.60 7.70 -26.22
CA ALA A 158 8.01 8.03 -27.52
C ALA A 158 8.49 9.39 -28.03
N SER A 159 8.53 10.40 -27.16
CA SER A 159 9.05 11.73 -27.50
C SER A 159 10.56 11.74 -27.83
N LYS A 160 11.32 10.80 -27.26
CA LYS A 160 12.72 10.55 -27.63
C LYS A 160 12.92 9.48 -28.75
N LYS A 161 11.84 9.16 -29.48
CA LYS A 161 11.84 8.26 -30.66
C LYS A 161 12.24 6.79 -30.39
N CYS A 162 12.09 6.34 -29.14
CA CYS A 162 12.47 4.99 -28.71
C CYS A 162 11.22 4.09 -28.68
N ILE A 163 11.22 3.06 -29.51
CA ILE A 163 10.20 2.00 -29.50
C ILE A 163 10.68 0.92 -28.51
N HIS A 164 9.80 0.51 -27.60
CA HIS A 164 10.12 -0.53 -26.60
C HIS A 164 10.25 -1.93 -27.21
N ARG A 165 9.22 -2.32 -27.98
CA ARG A 165 9.09 -3.67 -28.61
C ARG A 165 8.71 -4.84 -27.66
N ASP A 166 8.55 -4.59 -26.36
CA ASP A 166 8.35 -5.64 -25.34
C ASP A 166 7.83 -5.06 -24.00
N LEU A 167 6.81 -4.19 -24.08
CA LEU A 167 6.26 -3.52 -22.89
C LEU A 167 5.37 -4.52 -22.12
N ALA A 168 5.69 -4.71 -20.84
CA ALA A 168 4.98 -5.65 -19.95
C ALA A 168 5.27 -5.34 -18.48
N ALA A 169 4.48 -5.93 -17.59
CA ALA A 169 4.67 -5.75 -16.13
C ALA A 169 5.99 -6.32 -15.62
N ARG A 170 6.47 -7.41 -16.23
CA ARG A 170 7.83 -7.92 -15.95
C ARG A 170 8.97 -6.93 -16.30
N ASN A 171 8.75 -6.12 -17.34
CA ASN A 171 9.68 -5.04 -17.77
C ASN A 171 9.38 -3.63 -17.22
N VAL A 172 8.54 -3.52 -16.20
CA VAL A 172 8.41 -2.32 -15.35
C VAL A 172 8.94 -2.72 -13.97
N LEU A 173 9.87 -1.92 -13.44
CA LEU A 173 10.41 -2.07 -12.08
C LEU A 173 9.80 -1.06 -11.11
N VAL A 174 9.91 -1.37 -9.81
CA VAL A 174 9.31 -0.58 -8.72
C VAL A 174 10.37 -0.25 -7.66
N THR A 175 10.52 1.05 -7.36
CA THR A 175 11.51 1.55 -6.40
C THR A 175 11.01 1.50 -4.95
N GLU A 176 11.93 1.81 -4.03
CA GLU A 176 11.63 1.99 -2.58
C GLU A 176 10.51 3.01 -2.30
N ASP A 177 10.48 4.09 -3.09
CA ASP A 177 9.44 5.14 -3.00
C ASP A 177 8.24 4.91 -3.98
N ASN A 178 7.97 3.65 -4.34
CA ASN A 178 6.82 3.26 -5.19
C ASN A 178 6.76 3.89 -6.60
N VAL A 179 7.92 4.24 -7.16
CA VAL A 179 8.01 4.88 -8.47
C VAL A 179 8.13 3.75 -9.50
N MET A 180 7.27 3.78 -10.52
CA MET A 180 7.27 2.78 -11.60
C MET A 180 8.32 3.21 -12.62
N LYS A 181 9.23 2.30 -12.97
CA LYS A 181 10.35 2.56 -13.89
C LYS A 181 10.39 1.53 -15.03
N ILE A 182 10.23 2.00 -16.26
CA ILE A 182 10.27 1.13 -17.45
C ILE A 182 11.71 0.64 -17.72
N ALA A 183 11.81 -0.65 -18.02
CA ALA A 183 13.09 -1.36 -18.20
C ALA A 183 13.11 -2.09 -19.54
N ASP A 184 14.33 -2.44 -19.98
CA ASP A 184 14.58 -3.17 -21.24
C ASP A 184 14.00 -2.50 -22.51
N PHE A 185 13.94 -1.17 -22.51
CA PHE A 185 13.43 -0.39 -23.65
C PHE A 185 14.51 -0.29 -24.74
N GLY A 186 14.09 -0.50 -26.00
CA GLY A 186 14.94 -0.35 -27.19
C GLY A 186 16.09 -1.31 -27.43
N LEU A 187 15.94 -2.58 -27.04
CA LEU A 187 16.97 -3.62 -27.27
C LEU A 187 16.94 -4.07 -28.74
N ALA A 188 18.12 -4.31 -29.31
CA ALA A 188 18.25 -4.78 -30.69
C ALA A 188 18.15 -6.31 -30.75
N LEU A 205 5.64 -16.23 -22.40
CA LEU A 205 6.21 -15.82 -23.68
C LEU A 205 5.78 -14.40 -24.10
N PRO A 206 6.63 -13.68 -24.88
CA PRO A 206 6.30 -12.30 -25.28
C PRO A 206 5.13 -12.12 -26.28
N VAL A 207 4.76 -13.18 -27.00
CA VAL A 207 3.71 -13.15 -28.06
C VAL A 207 2.36 -12.59 -27.58
N LYS A 208 1.99 -12.89 -26.33
CA LYS A 208 0.71 -12.42 -25.76
C LYS A 208 0.59 -10.90 -25.53
N TRP A 209 1.73 -10.20 -25.49
CA TRP A 209 1.79 -8.73 -25.39
C TRP A 209 1.91 -8.02 -26.75
N MET A 210 2.31 -8.74 -27.80
CA MET A 210 2.52 -8.16 -29.13
C MET A 210 1.21 -7.84 -29.84
N ALA A 211 1.19 -6.74 -30.58
CA ALA A 211 0.08 -6.41 -31.48
C ALA A 211 0.09 -7.33 -32.71
N PRO A 212 -1.05 -7.48 -33.43
CA PRO A 212 -1.09 -8.40 -34.57
C PRO A 212 -0.10 -8.08 -35.70
N GLU A 213 -0.01 -6.81 -36.08
CA GLU A 213 1.00 -6.32 -37.04
C GLU A 213 2.46 -6.61 -36.65
N ALA A 214 2.76 -6.49 -35.36
CA ALA A 214 4.06 -6.89 -34.80
C ALA A 214 4.25 -8.41 -34.82
N LEU A 215 3.19 -9.15 -34.48
CA LEU A 215 3.21 -10.62 -34.45
C LEU A 215 3.33 -11.24 -35.84
N PHE A 216 2.51 -10.78 -36.79
CA PHE A 216 2.51 -11.30 -38.16
C PHE A 216 3.69 -10.77 -38.97
N ASP A 217 3.75 -9.45 -39.12
CA ASP A 217 4.68 -8.78 -40.05
C ASP A 217 6.01 -8.24 -39.46
N ARG A 218 6.21 -8.37 -38.14
CA ARG A 218 7.39 -7.82 -37.42
C ARG A 218 7.53 -6.28 -37.52
N ILE A 219 6.38 -5.59 -37.61
CA ILE A 219 6.31 -4.14 -37.74
C ILE A 219 6.09 -3.58 -36.34
N TYR A 220 7.20 -3.17 -35.71
CA TYR A 220 7.19 -2.55 -34.38
C TYR A 220 7.12 -1.03 -34.52
N THR A 221 6.11 -0.43 -33.87
CA THR A 221 5.87 1.02 -33.88
C THR A 221 5.51 1.49 -32.47
N HIS A 222 5.31 2.81 -32.31
CA HIS A 222 4.76 3.37 -31.07
C HIS A 222 3.33 2.89 -30.79
N GLN A 223 2.55 2.67 -31.87
CA GLN A 223 1.19 2.14 -31.78
C GLN A 223 1.12 0.67 -31.33
N SER A 224 2.12 -0.15 -31.69
CA SER A 224 2.22 -1.53 -31.18
C SER A 224 2.61 -1.59 -29.68
N ASP A 225 3.38 -0.60 -29.21
CA ASP A 225 3.61 -0.41 -27.76
C ASP A 225 2.37 -0.01 -26.97
N VAL A 226 1.40 0.66 -27.61
CA VAL A 226 0.11 1.00 -26.98
C VAL A 226 -0.73 -0.26 -26.78
N TRP A 227 -0.80 -1.12 -27.79
CA TRP A 227 -1.39 -2.47 -27.67
C TRP A 227 -0.83 -3.22 -26.46
N SER A 228 0.50 -3.22 -26.36
CA SER A 228 1.20 -3.81 -25.22
C SER A 228 0.86 -3.14 -23.89
N PHE A 229 0.72 -1.80 -23.88
CA PHE A 229 0.24 -1.06 -22.70
C PHE A 229 -1.19 -1.47 -22.26
N GLY A 230 -2.07 -1.75 -23.23
CA GLY A 230 -3.40 -2.29 -22.95
C GLY A 230 -3.40 -3.60 -22.17
N VAL A 231 -2.47 -4.49 -22.51
CA VAL A 231 -2.25 -5.75 -21.77
C VAL A 231 -1.65 -5.46 -20.39
N LEU A 232 -0.74 -4.48 -20.32
CA LEU A 232 -0.18 -3.99 -19.04
C LEU A 232 -1.26 -3.44 -18.08
N LEU A 233 -2.27 -2.76 -18.61
CA LEU A 233 -3.43 -2.31 -17.80
C LEU A 233 -4.18 -3.51 -17.23
N TRP A 234 -4.54 -4.45 -18.11
CA TRP A 234 -5.14 -5.74 -17.75
C TRP A 234 -4.33 -6.50 -16.69
N GLU A 235 -3.00 -6.45 -16.77
CA GLU A 235 -2.13 -7.03 -15.72
C GLU A 235 -2.27 -6.34 -14.37
N ILE A 236 -2.31 -5.00 -14.38
CA ILE A 236 -2.44 -4.20 -13.14
C ILE A 236 -3.73 -4.52 -12.40
N PHE A 237 -4.85 -4.45 -13.11
CA PHE A 237 -6.19 -4.65 -12.52
C PHE A 237 -6.61 -6.12 -12.29
N THR A 238 -5.79 -7.09 -12.73
CA THR A 238 -5.84 -8.50 -12.28
C THR A 238 -4.79 -8.88 -11.21
N LEU A 239 -4.03 -7.90 -10.69
CA LEU A 239 -2.93 -8.09 -9.74
C LEU A 239 -1.86 -9.09 -10.20
N GLY A 240 -1.39 -8.88 -11.43
CA GLY A 240 -0.38 -9.73 -12.05
C GLY A 240 -0.96 -11.01 -12.63
N GLY A 241 -2.03 -10.87 -13.41
CA GLY A 241 -2.68 -12.00 -14.08
C GLY A 241 -1.91 -12.45 -15.31
N SER A 242 -2.05 -13.74 -15.64
CA SER A 242 -1.48 -14.32 -16.86
C SER A 242 -2.51 -14.14 -17.99
N PRO A 243 -2.18 -13.37 -19.05
CA PRO A 243 -3.17 -13.11 -20.12
C PRO A 243 -3.41 -14.28 -21.04
N TYR A 244 -4.54 -14.22 -21.76
CA TYR A 244 -5.03 -15.28 -22.67
C TYR A 244 -4.78 -16.70 -22.11
N PRO A 245 -5.30 -16.99 -20.90
CA PRO A 245 -4.95 -18.23 -20.20
C PRO A 245 -5.53 -19.48 -20.89
N GLY A 246 -4.71 -20.52 -20.99
CA GLY A 246 -5.06 -21.76 -21.71
C GLY A 246 -5.23 -21.64 -23.21
N VAL A 247 -4.66 -20.60 -23.82
CA VAL A 247 -4.74 -20.34 -25.27
C VAL A 247 -3.33 -20.63 -25.82
N PRO A 248 -3.18 -21.65 -26.72
CA PRO A 248 -1.85 -21.87 -27.32
C PRO A 248 -1.46 -20.82 -28.37
N VAL A 249 -0.23 -20.91 -28.86
CA VAL A 249 0.34 -19.93 -29.80
C VAL A 249 -0.38 -19.90 -31.16
N GLU A 250 -0.65 -21.09 -31.70
CA GLU A 250 -1.40 -21.25 -32.97
C GLU A 250 -2.83 -20.66 -32.94
N GLU A 251 -3.54 -20.89 -31.83
CA GLU A 251 -4.90 -20.33 -31.63
C GLU A 251 -4.94 -18.80 -31.44
N LEU A 252 -3.90 -18.23 -30.82
CA LEU A 252 -3.84 -16.77 -30.56
C LEU A 252 -3.77 -15.89 -31.81
N PHE A 253 -3.16 -16.40 -32.89
CA PHE A 253 -3.15 -15.72 -34.20
C PHE A 253 -4.56 -15.51 -34.76
N LYS A 254 -5.36 -16.57 -34.73
CA LYS A 254 -6.74 -16.56 -35.26
C LYS A 254 -7.71 -15.71 -34.43
N LEU A 255 -7.65 -15.84 -33.10
CA LEU A 255 -8.53 -15.12 -32.16
C LEU A 255 -8.47 -13.59 -32.28
N LEU A 256 -7.26 -13.06 -32.44
CA LEU A 256 -7.04 -11.62 -32.68
C LEU A 256 -7.50 -11.19 -34.08
N LYS A 257 -7.23 -12.02 -35.09
CA LYS A 257 -7.72 -11.80 -36.47
C LYS A 257 -9.25 -11.75 -36.56
N GLU A 258 -9.91 -12.75 -35.95
CA GLU A 258 -11.38 -12.80 -35.83
C GLU A 258 -12.02 -11.70 -34.96
N GLY A 259 -11.22 -11.08 -34.09
CA GLY A 259 -11.63 -9.91 -33.29
C GLY A 259 -11.94 -10.14 -31.82
N HIS A 260 -11.49 -11.27 -31.26
CA HIS A 260 -11.67 -11.60 -29.84
C HIS A 260 -10.66 -10.83 -28.98
N ARG A 261 -11.12 -10.38 -27.81
CA ARG A 261 -10.33 -9.65 -26.82
C ARG A 261 -10.47 -10.31 -25.45
N MET A 262 -9.59 -9.93 -24.53
CA MET A 262 -9.70 -10.36 -23.12
C MET A 262 -10.88 -9.65 -22.44
N ASP A 263 -11.45 -10.33 -21.45
CA ASP A 263 -12.61 -9.83 -20.72
C ASP A 263 -12.20 -8.78 -19.69
N LYS A 264 -13.20 -8.07 -19.16
CA LYS A 264 -13.00 -7.11 -18.08
C LYS A 264 -12.57 -7.83 -16.79
N PRO A 265 -11.56 -7.30 -16.05
CA PRO A 265 -11.29 -7.81 -14.69
C PRO A 265 -12.40 -7.51 -13.69
N SER A 266 -12.44 -8.25 -12.59
CA SER A 266 -13.50 -8.12 -11.59
C SER A 266 -13.42 -6.79 -10.85
N ASN A 267 -12.24 -6.50 -10.29
CA ASN A 267 -11.94 -5.22 -9.63
C ASN A 267 -11.41 -4.23 -10.68
N CYS A 268 -12.32 -3.73 -11.52
CA CYS A 268 -11.98 -2.82 -12.63
C CYS A 268 -13.23 -2.13 -13.19
N THR A 269 -13.13 -0.82 -13.40
CA THR A 269 -14.25 0.00 -13.91
C THR A 269 -14.44 -0.19 -15.42
N ASN A 270 -15.56 0.32 -15.92
CA ASN A 270 -15.89 0.31 -17.37
C ASN A 270 -15.01 1.28 -18.16
N GLU A 271 -14.78 2.47 -17.62
CA GLU A 271 -13.90 3.50 -18.22
C GLU A 271 -12.49 2.98 -18.48
N LEU A 272 -11.92 2.31 -17.49
CA LEU A 272 -10.59 1.69 -17.61
C LEU A 272 -10.54 0.49 -18.57
N TYR A 273 -11.63 -0.27 -18.67
CA TYR A 273 -11.75 -1.35 -19.68
C TYR A 273 -11.92 -0.82 -21.11
N MET A 274 -12.63 0.31 -21.29
CA MET A 274 -12.68 1.00 -22.58
C MET A 274 -11.29 1.45 -23.04
N MET A 275 -10.48 1.95 -22.11
CA MET A 275 -9.07 2.27 -22.36
C MET A 275 -8.23 1.07 -22.82
N MET A 276 -8.47 -0.10 -22.23
CA MET A 276 -7.86 -1.36 -22.69
C MET A 276 -8.29 -1.71 -24.11
N ARG A 277 -9.62 -1.67 -24.34
CA ARG A 277 -10.20 -1.98 -25.65
C ARG A 277 -9.78 -1.00 -26.76
N ASP A 278 -9.65 0.27 -26.42
CA ASP A 278 -9.11 1.30 -27.34
C ASP A 278 -7.63 1.07 -27.66
N CYS A 279 -6.84 0.65 -26.66
CA CYS A 279 -5.44 0.19 -26.88
C CYS A 279 -5.36 -1.05 -27.78
N TRP A 280 -6.36 -1.93 -27.71
CA TRP A 280 -6.48 -3.12 -28.57
C TRP A 280 -7.30 -2.93 -29.87
N HIS A 281 -7.27 -1.73 -30.44
CA HIS A 281 -7.95 -1.45 -31.72
C HIS A 281 -7.16 -2.13 -32.85
N ALA A 282 -7.87 -2.73 -33.80
CA ALA A 282 -7.28 -3.59 -34.84
C ALA A 282 -6.40 -2.80 -35.81
N VAL A 283 -6.93 -1.69 -36.31
CA VAL A 283 -6.16 -0.71 -37.09
C VAL A 283 -5.29 0.15 -36.13
N PRO A 284 -3.94 0.13 -36.29
CA PRO A 284 -3.03 0.90 -35.40
C PRO A 284 -3.26 2.42 -35.28
N SER A 285 -3.66 3.07 -36.37
CA SER A 285 -3.98 4.52 -36.36
C SER A 285 -5.12 4.91 -35.41
N GLN A 286 -6.08 4.00 -35.22
CA GLN A 286 -7.22 4.20 -34.33
C GLN A 286 -6.94 4.01 -32.84
N ARG A 287 -5.80 3.45 -32.47
CA ARG A 287 -5.37 3.37 -31.06
C ARG A 287 -5.03 4.76 -30.52
N PRO A 288 -5.18 4.99 -29.19
CA PRO A 288 -4.77 6.27 -28.61
C PRO A 288 -3.25 6.38 -28.51
N THR A 289 -2.75 7.60 -28.39
CA THR A 289 -1.33 7.87 -28.15
C THR A 289 -1.07 7.86 -26.65
N PHE A 290 0.20 7.72 -26.26
CA PHE A 290 0.63 7.85 -24.85
C PHE A 290 0.36 9.24 -24.25
N LYS A 291 0.33 10.28 -25.08
CA LYS A 291 -0.12 11.62 -24.66
C LYS A 291 -1.58 11.63 -24.20
N GLN A 292 -2.46 11.03 -25.01
CA GLN A 292 -3.89 10.85 -24.64
C GLN A 292 -4.11 10.00 -23.40
N LEU A 293 -3.36 8.89 -23.31
CA LEU A 293 -3.42 7.98 -22.17
C LEU A 293 -2.94 8.64 -20.86
N VAL A 294 -1.88 9.44 -20.94
CA VAL A 294 -1.43 10.27 -19.81
C VAL A 294 -2.49 11.30 -19.41
N GLU A 295 -3.09 11.97 -20.39
CA GLU A 295 -4.19 12.94 -20.16
C GLU A 295 -5.44 12.28 -19.52
N ASP A 296 -5.85 11.14 -20.04
CA ASP A 296 -6.99 10.38 -19.52
C ASP A 296 -6.75 9.81 -18.12
N LEU A 297 -5.59 9.18 -17.93
CA LEU A 297 -5.23 8.61 -16.61
C LEU A 297 -5.01 9.65 -15.51
N ASP A 298 -4.49 10.83 -15.85
CA ASP A 298 -4.36 11.95 -14.90
C ASP A 298 -5.71 12.39 -14.31
N ARG A 299 -6.72 12.49 -15.18
CA ARG A 299 -8.09 12.80 -14.76
C ARG A 299 -8.72 11.69 -13.89
N ILE A 300 -8.45 10.42 -14.22
CA ILE A 300 -8.99 9.27 -13.48
C ILE A 300 -8.39 9.13 -12.07
N VAL A 301 -7.07 9.30 -11.94
CA VAL A 301 -6.37 9.27 -10.63
C VAL A 301 -6.91 10.34 -9.68
N ALA A 302 -7.13 11.55 -10.20
CA ALA A 302 -7.71 12.67 -9.43
C ALA A 302 -9.12 12.35 -8.87
N LEU A 303 -9.98 11.79 -9.72
CA LEU A 303 -11.35 11.41 -9.34
C LEU A 303 -11.46 10.15 -8.46
N THR A 304 -10.51 9.21 -8.59
CA THR A 304 -10.48 7.99 -7.76
C THR A 304 -10.07 8.31 -6.30
N SER A 305 -10.66 7.57 -5.35
CA SER A 305 -10.44 7.76 -3.90
C SER A 305 -9.03 7.36 -3.48
N GLY B 2 18.95 -10.68 14.82
CA GLY B 2 18.53 -9.48 14.04
C GLY B 2 19.21 -8.19 14.41
N SER B 3 18.81 -7.11 13.73
CA SER B 3 19.35 -5.75 13.95
C SER B 3 18.99 -5.19 15.35
N SER B 4 17.72 -5.36 15.74
CA SER B 4 17.21 -4.92 17.04
C SER B 4 17.57 -5.82 18.26
N GLU B 5 18.28 -6.93 18.04
CA GLU B 5 18.75 -7.84 19.12
C GLU B 5 19.48 -7.14 20.27
N TYR B 6 20.47 -6.31 19.93
CA TYR B 6 21.28 -5.55 20.91
C TYR B 6 20.98 -4.05 21.00
N GLU B 7 20.63 -3.42 19.87
CA GLU B 7 20.41 -1.97 19.80
C GLU B 7 19.26 -1.65 18.82
N LEU B 8 18.29 -0.86 19.28
CA LEU B 8 17.22 -0.29 18.42
C LEU B 8 17.68 1.07 17.87
N PRO B 9 17.26 1.45 16.64
CA PRO B 9 17.69 2.74 16.08
C PRO B 9 16.97 3.94 16.69
N GLU B 10 17.70 5.02 16.98
CA GLU B 10 17.16 6.19 17.67
C GLU B 10 16.33 7.06 16.73
N ASP B 11 15.26 7.65 17.27
CA ASP B 11 14.47 8.71 16.62
C ASP B 11 14.34 9.88 17.61
N PRO B 12 15.23 10.91 17.51
CA PRO B 12 15.16 12.12 18.35
C PRO B 12 13.82 12.89 18.41
N ARG B 13 13.01 12.81 17.36
CA ARG B 13 11.65 13.43 17.34
C ARG B 13 10.73 12.92 18.45
N TRP B 14 10.78 11.61 18.72
CA TRP B 14 9.89 10.93 19.68
C TRP B 14 10.56 10.43 20.99
N GLU B 15 11.89 10.45 21.06
CA GLU B 15 12.64 9.92 22.19
C GLU B 15 12.45 10.73 23.48
N LEU B 16 11.85 10.09 24.49
CA LEU B 16 11.81 10.61 25.87
C LEU B 16 12.91 9.90 26.70
N PRO B 17 13.69 10.66 27.52
CA PRO B 17 14.59 10.01 28.49
C PRO B 17 13.83 9.22 29.58
N ARG B 18 14.39 8.07 29.99
CA ARG B 18 13.74 7.16 30.95
C ARG B 18 13.56 7.75 32.35
N ASP B 19 14.49 8.60 32.79
CA ASP B 19 14.35 9.36 34.04
C ASP B 19 13.20 10.41 34.07
N ARG B 20 12.61 10.72 32.90
CA ARG B 20 11.38 11.53 32.78
C ARG B 20 10.05 10.73 32.79
N LEU B 21 10.10 9.42 33.05
CA LEU B 21 8.91 8.54 33.02
C LEU B 21 8.82 7.68 34.30
N VAL B 22 7.83 7.98 35.14
CA VAL B 22 7.58 7.25 36.40
C VAL B 22 6.48 6.21 36.13
N LEU B 23 6.84 4.93 36.12
CA LEU B 23 5.90 3.84 35.83
C LEU B 23 5.02 3.53 37.04
N GLY B 24 3.74 3.28 36.77
CA GLY B 24 2.70 3.06 37.78
C GLY B 24 2.06 1.68 37.67
N LYS B 25 0.78 1.60 38.04
CA LYS B 25 0.02 0.33 38.06
C LYS B 25 -0.15 -0.30 36.66
N PRO B 26 -0.25 -1.66 36.57
CA PRO B 26 -0.68 -2.28 35.31
C PRO B 26 -2.14 -1.97 34.93
N LEU B 27 -2.36 -1.62 33.66
CA LEU B 27 -3.68 -1.27 33.12
C LEU B 27 -4.33 -2.45 32.39
N GLY B 28 -3.56 -3.11 31.52
CA GLY B 28 -3.99 -4.35 30.86
C GLY B 28 -2.85 -5.21 30.37
N GLU B 29 -3.12 -6.51 30.23
CA GLU B 29 -2.19 -7.50 29.66
C GLU B 29 -2.72 -7.91 28.28
N GLY B 30 -2.00 -7.53 27.22
CA GLY B 30 -2.25 -8.05 25.87
C GLY B 30 -1.69 -9.46 25.72
N ALA B 31 -2.03 -10.10 24.60
CA ALA B 31 -1.50 -11.42 24.24
C ALA B 31 0.01 -11.35 23.95
N PHE B 32 0.40 -10.36 23.14
CA PHE B 32 1.81 -10.08 22.81
C PHE B 32 2.41 -8.99 23.70
N GLY B 33 1.68 -7.88 23.87
CA GLY B 33 2.10 -6.73 24.66
C GLY B 33 1.57 -6.70 26.09
N GLN B 34 2.11 -5.76 26.85
CA GLN B 34 1.67 -5.42 28.21
C GLN B 34 1.61 -3.89 28.29
N VAL B 35 0.63 -3.36 29.03
CA VAL B 35 0.47 -1.89 29.19
C VAL B 35 0.43 -1.55 30.68
N VAL B 36 1.08 -0.44 31.05
CA VAL B 36 1.06 0.11 32.42
C VAL B 36 0.72 1.61 32.41
N LEU B 37 0.10 2.08 33.48
CA LEU B 37 -0.09 3.51 33.74
C LEU B 37 1.26 4.13 34.08
N ALA B 38 1.45 5.39 33.70
CA ALA B 38 2.66 6.13 34.06
C ALA B 38 2.46 7.64 34.04
N GLU B 39 3.45 8.35 34.58
CA GLU B 39 3.50 9.81 34.57
C GLU B 39 4.75 10.27 33.82
N ALA B 40 4.56 11.05 32.76
CA ALA B 40 5.65 11.61 31.94
C ALA B 40 5.92 13.06 32.34
N ILE B 41 7.19 13.43 32.47
CA ILE B 41 7.62 14.84 32.66
C ILE B 41 8.07 15.42 31.30
N GLY B 42 7.38 16.46 30.84
CA GLY B 42 7.80 17.21 29.66
C GLY B 42 7.70 16.51 28.32
N LEU B 43 6.48 16.11 27.97
CA LEU B 43 6.18 15.59 26.62
C LEU B 43 6.04 16.74 25.64
N ASP B 44 5.22 17.74 26.00
CA ASP B 44 4.93 18.91 25.16
C ASP B 44 6.16 19.82 24.93
N LYS B 47 5.45 23.37 27.34
CA LYS B 47 5.57 23.16 28.77
C LYS B 47 6.41 21.91 29.11
N PRO B 48 7.76 22.04 29.17
CA PRO B 48 8.61 20.92 29.63
C PRO B 48 8.55 20.58 31.14
N ASN B 49 8.03 21.49 31.96
CA ASN B 49 7.83 21.24 33.42
C ASN B 49 6.49 20.54 33.77
N ARG B 50 5.57 20.40 32.82
CA ARG B 50 4.24 19.84 33.07
C ARG B 50 4.30 18.32 33.16
N VAL B 51 3.55 17.77 34.12
CA VAL B 51 3.43 16.32 34.32
C VAL B 51 2.17 15.86 33.59
N THR B 52 2.26 14.71 32.92
CA THR B 52 1.20 14.18 32.06
C THR B 52 1.00 12.71 32.39
N LYS B 53 -0.25 12.31 32.66
CA LYS B 53 -0.62 10.91 32.87
C LYS B 53 -0.68 10.22 31.49
N VAL B 54 0.03 9.10 31.36
CA VAL B 54 0.19 8.39 30.07
C VAL B 54 0.07 6.88 30.24
N ALA B 55 -0.30 6.22 29.14
CA ALA B 55 -0.24 4.77 29.02
C ALA B 55 1.05 4.41 28.29
N VAL B 56 1.73 3.38 28.79
CA VAL B 56 3.04 2.94 28.28
C VAL B 56 2.91 1.46 27.90
N LYS B 57 2.81 1.18 26.60
CA LYS B 57 2.83 -0.19 26.08
C LYS B 57 4.28 -0.69 25.99
N MET B 58 4.48 -1.94 26.41
CA MET B 58 5.78 -2.64 26.34
C MET B 58 5.60 -4.13 26.09
N LEU B 59 6.71 -4.82 25.81
CA LEU B 59 6.71 -6.27 25.67
C LEU B 59 6.53 -6.96 27.02
N LYS B 60 5.99 -8.18 26.96
CA LYS B 60 5.96 -9.09 28.11
C LYS B 60 7.37 -9.64 28.37
N SER B 61 7.56 -10.21 29.55
CA SER B 61 8.84 -10.81 29.95
C SER B 61 9.27 -12.00 29.06
N ASP B 62 8.28 -12.79 28.62
CA ASP B 62 8.50 -13.96 27.73
C ASP B 62 8.16 -13.64 26.25
N ALA B 63 8.68 -12.50 25.77
CA ALA B 63 8.44 -12.01 24.41
C ALA B 63 9.58 -12.44 23.48
N THR B 64 9.21 -12.78 22.25
CA THR B 64 10.16 -13.21 21.21
C THR B 64 10.80 -12.00 20.50
N GLU B 65 11.73 -12.31 19.58
CA GLU B 65 12.27 -11.31 18.64
C GLU B 65 11.21 -10.78 17.65
N LYS B 66 10.30 -11.66 17.21
CA LYS B 66 9.16 -11.27 16.35
C LYS B 66 8.18 -10.31 17.04
N ASP B 67 7.96 -10.49 18.34
CA ASP B 67 7.13 -9.56 19.15
C ASP B 67 7.72 -8.15 19.22
N LEU B 68 9.04 -8.05 19.36
CA LEU B 68 9.76 -6.75 19.30
C LEU B 68 9.60 -6.07 17.94
N SER B 69 9.76 -6.85 16.87
CA SER B 69 9.57 -6.38 15.48
C SER B 69 8.15 -5.84 15.22
N ASP B 70 7.14 -6.55 15.74
CA ASP B 70 5.73 -6.09 15.68
C ASP B 70 5.52 -4.78 16.45
N LEU B 71 6.06 -4.71 17.67
CA LEU B 71 5.91 -3.51 18.52
C LEU B 71 6.66 -2.29 17.94
N ILE B 72 7.81 -2.51 17.31
CA ILE B 72 8.51 -1.47 16.54
C ILE B 72 7.64 -1.04 15.35
N SER B 73 7.16 -2.01 14.55
CA SER B 73 6.25 -1.73 13.41
C SER B 73 5.01 -0.93 13.80
N GLU B 74 4.42 -1.30 14.94
CA GLU B 74 3.29 -0.57 15.55
C GLU B 74 3.65 0.88 15.86
N MET B 75 4.84 1.10 16.44
CA MET B 75 5.35 2.45 16.74
C MET B 75 5.56 3.29 15.48
N GLU B 76 6.20 2.69 14.45
CA GLU B 76 6.45 3.37 13.16
C GLU B 76 5.17 3.75 12.41
N MET B 77 4.17 2.86 12.44
CA MET B 77 2.82 3.14 11.93
C MET B 77 2.20 4.38 12.58
N MET B 78 2.25 4.44 13.91
CA MET B 78 1.69 5.57 14.67
C MET B 78 2.36 6.93 14.39
N LYS B 79 3.66 6.91 14.07
CA LYS B 79 4.37 8.13 13.62
C LYS B 79 3.80 8.67 12.30
N MET B 80 3.60 7.78 11.34
CA MET B 80 3.06 8.10 10.00
C MET B 80 1.62 8.66 10.00
N ILE B 81 0.76 8.11 10.87
CA ILE B 81 -0.69 8.44 10.87
C ILE B 81 -0.97 9.89 11.31
N GLY B 82 -0.23 10.41 12.29
CA GLY B 82 -0.39 11.78 12.77
C GLY B 82 -1.51 11.95 13.77
N LYS B 83 -1.66 13.16 14.30
CA LYS B 83 -2.52 13.44 15.45
C LYS B 83 -3.97 13.73 15.06
N HIS B 84 -4.91 13.06 15.75
CA HIS B 84 -6.35 13.40 15.70
C HIS B 84 -6.99 13.28 17.09
N LYS B 85 -8.01 14.09 17.34
CA LYS B 85 -8.71 14.15 18.64
C LYS B 85 -9.34 12.82 19.09
N ASN B 86 -9.87 12.06 18.13
CA ASN B 86 -10.59 10.78 18.39
C ASN B 86 -9.81 9.49 18.09
N ILE B 87 -8.48 9.52 18.26
CA ILE B 87 -7.63 8.31 18.27
C ILE B 87 -6.63 8.38 19.43
N ILE B 88 -6.16 7.22 19.87
CA ILE B 88 -5.06 7.12 20.83
C ILE B 88 -3.79 7.55 20.10
N ASN B 89 -3.30 8.75 20.42
CA ASN B 89 -2.12 9.34 19.78
C ASN B 89 -0.82 8.92 20.44
N LEU B 90 0.24 8.77 19.62
CA LEU B 90 1.61 8.60 20.12
C LEU B 90 2.06 9.94 20.72
N LEU B 91 2.62 9.89 21.94
CA LEU B 91 3.23 11.05 22.61
C LEU B 91 4.77 10.99 22.73
N GLY B 92 5.34 9.77 22.77
CA GLY B 92 6.79 9.59 22.83
C GLY B 92 7.20 8.12 22.91
N ALA B 93 8.50 7.91 23.14
CA ALA B 93 9.05 6.55 23.27
C ALA B 93 10.42 6.49 23.97
N CYS B 94 10.71 5.33 24.56
CA CYS B 94 12.02 5.02 25.15
C CYS B 94 12.56 3.79 24.43
N THR B 95 13.45 4.01 23.47
CA THR B 95 14.05 2.96 22.62
C THR B 95 15.47 2.53 23.02
N GLN B 96 16.26 3.44 23.60
CA GLN B 96 17.69 3.23 23.87
C GLN B 96 17.94 2.82 25.32
N ASP B 97 18.91 1.92 25.51
CA ASP B 97 19.45 1.56 26.83
C ASP B 97 18.35 1.05 27.78
N GLY B 98 17.60 0.06 27.31
CA GLY B 98 16.46 -0.52 28.04
C GLY B 98 15.36 -1.06 27.15
N PRO B 99 14.24 -1.54 27.77
CA PRO B 99 13.10 -2.05 26.98
C PRO B 99 12.36 -0.98 26.19
N LEU B 100 11.75 -1.41 25.09
CA LEU B 100 10.93 -0.54 24.24
C LEU B 100 9.65 -0.16 24.99
N TYR B 101 9.48 1.15 25.22
CA TYR B 101 8.27 1.72 25.80
C TYR B 101 7.64 2.61 24.74
N VAL B 102 6.39 2.31 24.36
CA VAL B 102 5.61 3.12 23.43
C VAL B 102 4.61 3.91 24.28
N ILE B 103 4.88 5.21 24.42
CA ILE B 103 4.12 6.12 25.30
C ILE B 103 2.98 6.73 24.47
N VAL B 104 1.75 6.60 24.97
CA VAL B 104 0.54 7.13 24.31
C VAL B 104 -0.34 7.90 25.31
N GLU B 105 -1.37 8.54 24.77
CA GLU B 105 -2.39 9.26 25.59
C GLU B 105 -3.14 8.31 26.53
N TYR B 106 -3.36 8.74 27.77
CA TYR B 106 -4.11 7.96 28.77
C TYR B 106 -5.60 8.30 28.69
N ALA B 107 -6.43 7.27 28.83
CA ALA B 107 -7.90 7.38 28.82
C ALA B 107 -8.44 6.84 30.15
N SER B 108 -8.73 7.76 31.07
CA SER B 108 -9.04 7.44 32.47
C SER B 108 -10.31 6.61 32.72
N LYS B 109 -11.33 6.78 31.86
CA LYS B 109 -12.63 6.09 32.02
C LYS B 109 -12.76 4.70 31.33
N GLY B 110 -11.65 4.14 30.84
CA GLY B 110 -11.63 2.78 30.27
C GLY B 110 -12.32 2.66 28.92
N ASN B 111 -12.52 1.41 28.47
CA ASN B 111 -13.16 1.13 27.17
C ASN B 111 -14.67 1.44 27.18
N LEU B 112 -15.20 1.69 25.99
CA LEU B 112 -16.58 2.16 25.81
C LEU B 112 -17.66 1.16 26.24
N ARG B 113 -17.41 -0.14 26.07
CA ARG B 113 -18.34 -1.20 26.51
C ARG B 113 -18.60 -1.15 28.02
N GLU B 114 -17.52 -1.16 28.80
CA GLU B 114 -17.59 -1.08 30.28
C GLU B 114 -18.17 0.26 30.79
N TYR B 115 -17.74 1.36 30.17
CA TYR B 115 -18.30 2.72 30.39
C TYR B 115 -19.84 2.79 30.29
N LEU B 116 -20.38 2.17 29.24
CA LEU B 116 -21.84 2.12 29.03
C LEU B 116 -22.54 1.14 29.99
N GLN B 117 -21.97 -0.06 30.13
CA GLN B 117 -22.47 -1.08 31.09
C GLN B 117 -22.57 -0.60 32.54
N ALA B 118 -21.57 0.17 32.98
CA ALA B 118 -21.56 0.81 34.31
C ALA B 118 -22.69 1.83 34.51
N ARG B 119 -22.99 2.62 33.48
CA ARG B 119 -24.08 3.62 33.49
C ARG B 119 -25.39 3.00 33.00
N LEU B 138 -26.51 9.09 31.06
CA LEU B 138 -26.20 9.67 29.76
C LEU B 138 -27.46 9.89 28.93
N SER B 139 -27.58 11.08 28.32
CA SER B 139 -28.74 11.45 27.50
C SER B 139 -28.72 10.77 26.12
N SER B 140 -29.76 11.04 25.33
CA SER B 140 -29.77 10.68 23.90
C SER B 140 -28.67 11.39 23.11
N LYS B 141 -28.52 12.70 23.35
CA LYS B 141 -27.46 13.53 22.73
C LYS B 141 -26.03 13.03 23.03
N ASP B 142 -25.80 12.55 24.25
CA ASP B 142 -24.51 11.94 24.65
C ASP B 142 -24.16 10.66 23.88
N LEU B 143 -25.16 9.80 23.66
CA LEU B 143 -24.97 8.54 22.91
C LEU B 143 -24.69 8.77 21.40
N VAL B 144 -25.35 9.74 20.79
CA VAL B 144 -25.13 10.07 19.35
C VAL B 144 -23.81 10.84 19.19
N SER B 145 -23.49 11.73 20.14
CA SER B 145 -22.16 12.38 20.22
C SER B 145 -21.02 11.38 20.28
N CYS B 146 -21.18 10.38 21.15
CA CYS B 146 -20.27 9.22 21.25
C CYS B 146 -20.11 8.46 19.91
N ALA B 147 -21.22 8.23 19.21
CA ALA B 147 -21.20 7.61 17.87
C ALA B 147 -20.52 8.47 16.80
N TYR B 148 -20.79 9.78 16.84
CA TYR B 148 -20.16 10.78 15.95
C TYR B 148 -18.62 10.82 16.08
N GLN B 149 -18.14 10.82 17.32
CA GLN B 149 -16.69 10.83 17.61
C GLN B 149 -15.94 9.59 17.13
N VAL B 150 -16.58 8.42 17.26
CA VAL B 150 -16.04 7.16 16.70
C VAL B 150 -16.04 7.21 15.16
N ALA B 151 -17.10 7.77 14.56
CA ALA B 151 -17.16 7.99 13.11
C ALA B 151 -16.09 8.97 12.61
N ARG B 152 -15.88 10.06 13.36
CA ARG B 152 -14.88 11.08 13.01
C ARG B 152 -13.44 10.56 13.10
N GLY B 153 -13.16 9.74 14.12
CA GLY B 153 -11.88 9.05 14.25
C GLY B 153 -11.57 8.01 13.19
N MET B 154 -12.61 7.28 12.72
CA MET B 154 -12.47 6.32 11.60
C MET B 154 -12.40 6.98 10.22
N GLU B 155 -13.05 8.13 10.06
CA GLU B 155 -12.86 9.01 8.88
C GLU B 155 -11.38 9.41 8.72
N TYR B 156 -10.71 9.71 9.84
CA TYR B 156 -9.30 10.07 9.84
C TYR B 156 -8.40 8.90 9.49
N LEU B 157 -8.57 7.78 10.20
CA LEU B 157 -7.78 6.54 9.95
C LEU B 157 -7.93 5.99 8.53
N ALA B 158 -9.14 6.11 7.97
CA ALA B 158 -9.41 5.77 6.57
C ALA B 158 -8.67 6.69 5.59
N SER B 159 -8.69 7.99 5.86
CA SER B 159 -7.94 8.99 5.06
C SER B 159 -6.42 8.83 5.13
N LYS B 160 -5.91 8.29 6.24
CA LYS B 160 -4.49 7.89 6.37
C LYS B 160 -4.20 6.40 6.00
N LYS B 161 -5.13 5.76 5.25
CA LYS B 161 -4.99 4.42 4.69
C LYS B 161 -4.84 3.26 5.68
N CYS B 162 -5.31 3.47 6.92
CA CYS B 162 -5.21 2.48 8.00
C CYS B 162 -6.54 1.75 8.15
N ILE B 163 -6.53 0.43 7.90
CA ILE B 163 -7.68 -0.46 8.13
C ILE B 163 -7.57 -0.97 9.57
N HIS B 164 -8.66 -0.87 10.33
CA HIS B 164 -8.70 -1.33 11.74
C HIS B 164 -8.64 -2.86 11.87
N ARG B 165 -9.53 -3.54 11.14
CA ARG B 165 -9.74 -5.01 11.19
C ARG B 165 -10.45 -5.58 12.43
N ASP B 166 -10.82 -4.73 13.40
CA ASP B 166 -11.40 -5.16 14.69
C ASP B 166 -12.05 -3.98 15.45
N LEU B 167 -12.89 -3.23 14.74
CA LEU B 167 -13.58 -2.07 15.33
C LEU B 167 -14.73 -2.57 16.23
N ALA B 168 -14.70 -2.14 17.49
CA ALA B 168 -15.70 -2.51 18.51
C ALA B 168 -15.64 -1.56 19.71
N ALA B 169 -16.66 -1.61 20.57
CA ALA B 169 -16.72 -0.77 21.77
C ALA B 169 -15.60 -1.07 22.77
N ARG B 170 -15.17 -2.32 22.87
CA ARG B 170 -13.97 -2.69 23.64
C ARG B 170 -12.67 -2.01 23.16
N ASN B 171 -12.56 -1.78 21.84
CA ASN B 171 -11.42 -1.07 21.21
C ASN B 171 -11.61 0.45 20.99
N VAL B 172 -12.63 1.05 21.60
CA VAL B 172 -12.75 2.50 21.76
C VAL B 172 -12.56 2.80 23.24
N LEU B 173 -11.66 3.74 23.57
CA LEU B 173 -11.42 4.22 24.93
C LEU B 173 -12.07 5.58 25.17
N VAL B 174 -12.24 5.92 26.45
CA VAL B 174 -12.95 7.15 26.90
C VAL B 174 -12.06 7.91 27.90
N THR B 175 -11.81 9.19 27.60
CA THR B 175 -10.94 10.05 28.41
C THR B 175 -11.70 10.70 29.58
N GLU B 176 -10.93 11.38 30.45
CA GLU B 176 -11.46 12.24 31.54
C GLU B 176 -12.47 13.29 31.07
N ASP B 177 -12.21 13.89 29.90
CA ASP B 177 -13.10 14.88 29.27
C ASP B 177 -14.09 14.27 28.25
N ASN B 178 -14.48 13.00 28.44
CA ASN B 178 -15.49 12.30 27.64
C ASN B 178 -15.21 12.20 26.11
N VAL B 179 -13.93 12.20 25.74
CA VAL B 179 -13.50 12.12 24.33
C VAL B 179 -13.35 10.63 23.99
N MET B 180 -14.00 10.20 22.90
CA MET B 180 -13.91 8.82 22.41
C MET B 180 -12.65 8.69 21.59
N LYS B 181 -11.81 7.70 21.90
CA LYS B 181 -10.52 7.47 21.25
C LYS B 181 -10.39 6.03 20.76
N ILE B 182 -10.23 5.85 19.45
CA ILE B 182 -10.07 4.53 18.83
C ILE B 182 -8.69 3.94 19.16
N ALA B 183 -8.69 2.65 19.52
CA ALA B 183 -7.51 1.92 19.97
C ALA B 183 -7.33 0.63 19.18
N ASP B 184 -6.11 0.06 19.26
CA ASP B 184 -5.72 -1.18 18.58
C ASP B 184 -5.95 -1.20 17.04
N PHE B 185 -5.83 -0.03 16.41
CA PHE B 185 -6.02 0.14 14.97
C PHE B 185 -4.75 -0.33 14.23
N GLY B 186 -4.94 -1.11 13.16
CA GLY B 186 -3.85 -1.63 12.33
C GLY B 186 -3.56 -3.04 12.81
N LEU B 187 -2.42 -3.21 13.49
CA LEU B 187 -1.91 -4.52 13.97
C LEU B 187 -1.58 -5.51 12.85
N LEU B 205 -16.24 -13.18 21.28
CA LEU B 205 -15.36 -13.41 20.13
C LEU B 205 -15.44 -12.27 19.10
N PRO B 206 -14.34 -12.02 18.34
CA PRO B 206 -14.35 -10.97 17.31
C PRO B 206 -15.25 -11.22 16.07
N VAL B 207 -15.62 -12.48 15.81
CA VAL B 207 -16.40 -12.91 14.63
C VAL B 207 -17.74 -12.16 14.49
N LYS B 208 -18.39 -11.83 15.61
CA LYS B 208 -19.68 -11.11 15.60
C LYS B 208 -19.63 -9.65 15.08
N TRP B 209 -18.44 -9.05 15.07
CA TRP B 209 -18.20 -7.70 14.50
C TRP B 209 -17.71 -7.72 13.04
N MET B 210 -17.21 -8.85 12.56
CA MET B 210 -16.65 -8.99 11.21
C MET B 210 -17.74 -9.01 10.15
N ALA B 211 -17.47 -8.39 9.00
CA ALA B 211 -18.34 -8.50 7.82
C ALA B 211 -18.20 -9.89 7.19
N PRO B 212 -19.20 -10.32 6.36
CA PRO B 212 -19.15 -11.67 5.78
C PRO B 212 -17.93 -11.95 4.90
N GLU B 213 -17.59 -11.00 4.02
CA GLU B 213 -16.35 -11.06 3.21
C GLU B 213 -15.06 -11.19 4.02
N ALA B 214 -14.99 -10.49 5.15
CA ALA B 214 -13.89 -10.64 6.11
C ALA B 214 -13.92 -12.00 6.83
N LEU B 215 -15.12 -12.45 7.20
CA LEU B 215 -15.32 -13.75 7.86
C LEU B 215 -15.03 -14.95 6.97
N PHE B 216 -15.57 -14.94 5.75
CA PHE B 216 -15.39 -16.03 4.78
C PHE B 216 -14.02 -15.99 4.12
N ASP B 217 -13.73 -14.90 3.43
CA ASP B 217 -12.54 -14.77 2.55
C ASP B 217 -11.30 -14.08 3.15
N ARG B 218 -11.37 -13.59 4.40
CA ARG B 218 -10.28 -12.83 5.05
C ARG B 218 -9.90 -11.51 4.31
N ILE B 219 -10.90 -10.90 3.67
CA ILE B 219 -10.72 -9.67 2.89
C ILE B 219 -11.12 -8.51 3.80
N TYR B 220 -10.12 -7.89 4.42
CA TYR B 220 -10.31 -6.73 5.29
C TYR B 220 -10.15 -5.44 4.47
N THR B 221 -11.17 -4.59 4.51
CA THR B 221 -11.20 -3.29 3.80
C THR B 221 -11.76 -2.21 4.72
N HIS B 222 -11.78 -0.96 4.24
CA HIS B 222 -12.49 0.12 4.95
C HIS B 222 -14.00 -0.10 5.01
N GLN B 223 -14.55 -0.75 3.99
CA GLN B 223 -15.99 -1.14 3.98
C GLN B 223 -16.35 -2.23 5.00
N SER B 224 -15.44 -3.16 5.30
CA SER B 224 -15.63 -4.13 6.39
C SER B 224 -15.55 -3.49 7.80
N ASP B 225 -14.76 -2.43 7.95
CA ASP B 225 -14.79 -1.58 9.16
C ASP B 225 -16.11 -0.80 9.35
N VAL B 226 -16.83 -0.49 8.26
CA VAL B 226 -18.16 0.15 8.34
C VAL B 226 -19.19 -0.84 8.89
N TRP B 227 -19.19 -2.08 8.39
CA TRP B 227 -19.98 -3.19 8.97
C TRP B 227 -19.76 -3.29 10.48
N SER B 228 -18.49 -3.28 10.89
CA SER B 228 -18.11 -3.27 12.29
C SER B 228 -18.61 -2.04 13.06
N PHE B 229 -18.55 -0.86 12.42
CA PHE B 229 -19.16 0.37 12.99
C PHE B 229 -20.68 0.26 13.23
N GLY B 230 -21.38 -0.43 12.31
CA GLY B 230 -22.81 -0.72 12.49
C GLY B 230 -23.14 -1.50 13.75
N VAL B 231 -22.30 -2.47 14.08
CA VAL B 231 -22.40 -3.25 15.34
C VAL B 231 -22.03 -2.36 16.54
N LEU B 232 -21.04 -1.49 16.36
CA LEU B 232 -20.66 -0.47 17.37
C LEU B 232 -21.81 0.51 17.70
N LEU B 233 -22.61 0.88 16.70
CA LEU B 233 -23.83 1.70 16.92
C LEU B 233 -24.84 0.93 17.78
N TRP B 234 -25.13 -0.30 17.36
CA TRP B 234 -25.97 -1.24 18.12
C TRP B 234 -25.49 -1.45 19.57
N GLU B 235 -24.17 -1.48 19.79
CA GLU B 235 -23.60 -1.52 21.15
C GLU B 235 -23.90 -0.28 21.98
N ILE B 236 -23.75 0.90 21.36
CA ILE B 236 -23.99 2.20 22.03
C ILE B 236 -25.44 2.30 22.52
N PHE B 237 -26.39 2.06 21.62
CA PHE B 237 -27.82 2.21 21.91
C PHE B 237 -28.48 1.04 22.67
N THR B 238 -27.73 -0.05 22.92
CA THR B 238 -28.07 -1.09 23.91
C THR B 238 -27.29 -0.97 25.25
N LEU B 239 -26.52 0.12 25.43
CA LEU B 239 -25.65 0.35 26.59
C LEU B 239 -24.65 -0.79 26.89
N GLY B 240 -23.94 -1.19 25.84
CA GLY B 240 -22.96 -2.28 25.91
C GLY B 240 -23.59 -3.65 25.85
N GLY B 241 -24.47 -3.86 24.87
CA GLY B 241 -25.13 -5.14 24.65
C GLY B 241 -24.21 -6.15 23.98
N SER B 242 -24.47 -7.44 24.22
CA SER B 242 -23.76 -8.54 23.57
C SER B 242 -24.52 -8.88 22.27
N PRO B 243 -23.90 -8.70 21.08
CA PRO B 243 -24.61 -8.95 19.82
C PRO B 243 -24.80 -10.42 19.50
N TYR B 244 -25.75 -10.70 18.61
CA TYR B 244 -26.17 -12.07 18.19
C TYR B 244 -26.14 -13.09 19.35
N PRO B 245 -26.90 -12.80 20.43
CA PRO B 245 -26.80 -13.59 21.67
C PRO B 245 -27.35 -15.00 21.52
N GLY B 246 -26.61 -15.98 22.06
CA GLY B 246 -26.92 -17.40 21.91
C GLY B 246 -26.82 -17.98 20.51
N VAL B 247 -26.04 -17.34 19.62
CA VAL B 247 -25.85 -17.78 18.24
C VAL B 247 -24.40 -18.30 18.17
N PRO B 248 -24.20 -19.61 17.86
CA PRO B 248 -22.83 -20.11 17.72
C PRO B 248 -22.15 -19.67 16.41
N VAL B 249 -20.87 -20.02 16.28
CA VAL B 249 -20.04 -19.59 15.13
C VAL B 249 -20.52 -20.17 13.79
N GLU B 250 -20.83 -21.47 13.80
CA GLU B 250 -21.37 -22.18 12.61
C GLU B 250 -22.69 -21.60 12.09
N GLU B 251 -23.61 -21.28 13.00
CA GLU B 251 -24.91 -20.66 12.66
C GLU B 251 -24.81 -19.22 12.13
N LEU B 252 -23.83 -18.45 12.61
CA LEU B 252 -23.63 -17.04 12.21
C LEU B 252 -23.25 -16.84 10.74
N PHE B 253 -22.53 -17.80 10.16
CA PHE B 253 -22.21 -17.82 8.71
C PHE B 253 -23.47 -17.85 7.84
N LYS B 254 -24.39 -18.75 8.19
CA LYS B 254 -25.65 -18.95 7.43
C LYS B 254 -26.64 -17.78 7.56
N LEU B 255 -26.82 -17.29 8.79
CA LEU B 255 -27.76 -16.19 9.09
C LEU B 255 -27.50 -14.89 8.31
N LEU B 256 -26.22 -14.52 8.20
CA LEU B 256 -25.78 -13.38 7.39
C LEU B 256 -25.94 -13.63 5.88
N LYS B 257 -25.60 -14.85 5.43
CA LYS B 257 -25.80 -15.28 4.02
C LYS B 257 -27.27 -15.23 3.60
N GLU B 258 -28.14 -15.81 4.44
CA GLU B 258 -29.60 -15.76 4.25
C GLU B 258 -30.25 -14.37 4.38
N GLY B 259 -29.55 -13.42 5.02
CA GLY B 259 -29.95 -12.01 5.11
C GLY B 259 -30.54 -11.53 6.43
N HIS B 260 -30.35 -12.30 7.51
CA HIS B 260 -30.83 -11.92 8.84
C HIS B 260 -29.92 -10.86 9.47
N ARG B 261 -30.54 -9.90 10.17
CA ARG B 261 -29.85 -8.81 10.87
C ARG B 261 -30.37 -8.72 12.32
N MET B 262 -29.63 -8.00 13.15
CA MET B 262 -30.06 -7.71 14.53
C MET B 262 -31.22 -6.71 14.53
N ASP B 263 -32.09 -6.83 15.54
CA ASP B 263 -33.26 -5.98 15.67
C ASP B 263 -32.90 -4.59 16.20
N LYS B 264 -33.87 -3.67 16.10
CA LYS B 264 -33.74 -2.32 16.64
C LYS B 264 -33.67 -2.36 18.18
N PRO B 265 -32.74 -1.58 18.80
CA PRO B 265 -32.80 -1.40 20.26
C PRO B 265 -34.03 -0.60 20.73
N SER B 266 -34.35 -0.74 22.02
CA SER B 266 -35.55 -0.11 22.59
C SER B 266 -35.42 1.41 22.63
N ASN B 267 -34.34 1.90 23.25
CA ASN B 267 -34.00 3.32 23.30
C ASN B 267 -33.15 3.68 22.06
N CYS B 268 -33.81 3.74 20.90
CA CYS B 268 -33.15 4.01 19.61
C CYS B 268 -34.16 4.39 18.53
N THR B 269 -33.85 5.43 17.76
CA THR B 269 -34.73 5.94 16.70
C THR B 269 -34.67 5.07 15.44
N ASN B 270 -35.60 5.32 14.52
CA ASN B 270 -35.65 4.63 13.22
C ASN B 270 -34.51 5.08 12.28
N GLU B 271 -34.23 6.38 12.26
CA GLU B 271 -33.11 6.97 11.48
C GLU B 271 -31.76 6.34 11.81
N LEU B 272 -31.48 6.21 13.11
CA LEU B 272 -30.24 5.56 13.60
C LEU B 272 -30.19 4.05 13.33
N TYR B 273 -31.34 3.36 13.33
CA TYR B 273 -31.42 1.95 12.93
C TYR B 273 -31.24 1.74 11.41
N MET B 274 -31.72 2.66 10.60
CA MET B 274 -31.44 2.66 9.15
C MET B 274 -29.94 2.80 8.87
N MET B 275 -29.26 3.65 9.64
CA MET B 275 -27.78 3.78 9.60
C MET B 275 -27.06 2.47 9.95
N MET B 276 -27.57 1.73 10.92
CA MET B 276 -27.05 0.38 11.24
C MET B 276 -27.27 -0.59 10.07
N ARG B 277 -28.49 -0.61 9.55
CA ARG B 277 -28.86 -1.49 8.42
C ARG B 277 -28.11 -1.18 7.13
N ASP B 278 -27.86 0.11 6.87
CA ASP B 278 -27.01 0.56 5.75
C ASP B 278 -25.54 0.15 5.92
N CYS B 279 -25.03 0.23 7.16
CA CYS B 279 -23.70 -0.33 7.50
C CYS B 279 -23.61 -1.85 7.31
N TRP B 280 -24.73 -2.56 7.53
CA TRP B 280 -24.84 -4.01 7.31
C TRP B 280 -25.36 -4.42 5.91
N HIS B 281 -25.06 -3.64 4.87
CA HIS B 281 -25.43 -3.99 3.49
C HIS B 281 -24.53 -5.15 3.02
N ALA B 282 -25.13 -6.11 2.31
CA ALA B 282 -24.47 -7.38 1.94
C ALA B 282 -23.32 -7.19 0.96
N VAL B 283 -23.57 -6.42 -0.10
CA VAL B 283 -22.53 -5.96 -1.04
C VAL B 283 -21.76 -4.78 -0.41
N PRO B 284 -20.42 -4.91 -0.20
CA PRO B 284 -19.61 -3.84 0.43
C PRO B 284 -19.65 -2.44 -0.22
N SER B 285 -19.73 -2.38 -1.56
CA SER B 285 -19.83 -1.10 -2.29
C SER B 285 -21.07 -0.26 -1.93
N GLN B 286 -22.17 -0.95 -1.58
CA GLN B 286 -23.42 -0.30 -1.19
C GLN B 286 -23.48 0.24 0.25
N ARG B 287 -22.51 -0.12 1.10
CA ARG B 287 -22.40 0.46 2.45
C ARG B 287 -21.98 1.94 2.36
N PRO B 288 -22.35 2.77 3.36
CA PRO B 288 -21.87 4.16 3.37
C PRO B 288 -20.39 4.26 3.77
N THR B 289 -19.76 5.38 3.42
CA THR B 289 -18.39 5.68 3.86
C THR B 289 -18.45 6.36 5.22
N PHE B 290 -17.31 6.39 5.92
CA PHE B 290 -17.15 7.14 7.18
C PHE B 290 -17.33 8.66 7.00
N LYS B 291 -17.04 9.19 5.80
CA LYS B 291 -17.36 10.59 5.44
C LYS B 291 -18.86 10.86 5.49
N GLN B 292 -19.66 9.99 4.86
CA GLN B 292 -21.14 10.06 4.90
C GLN B 292 -21.71 9.91 6.31
N LEU B 293 -21.17 8.94 7.05
CA LEU B 293 -21.58 8.70 8.45
C LEU B 293 -21.27 9.88 9.38
N VAL B 294 -20.10 10.50 9.21
CA VAL B 294 -19.75 11.75 9.91
C VAL B 294 -20.70 12.90 9.53
N GLU B 295 -21.01 13.04 8.24
CA GLU B 295 -21.98 14.05 7.75
C GLU B 295 -23.40 13.83 8.30
N ASP B 296 -23.86 12.58 8.27
CA ASP B 296 -25.19 12.20 8.79
C ASP B 296 -25.30 12.37 10.31
N LEU B 297 -24.31 11.87 11.04
CA LEU B 297 -24.27 11.97 12.51
C LEU B 297 -24.11 13.40 13.04
N ASP B 298 -23.38 14.25 12.33
CA ASP B 298 -23.25 15.69 12.68
C ASP B 298 -24.62 16.41 12.67
N ARG B 299 -25.42 16.13 11.65
CA ARG B 299 -26.80 16.64 11.56
C ARG B 299 -27.72 16.11 12.67
N ILE B 300 -27.58 14.82 13.03
CA ILE B 300 -28.41 14.17 14.05
C ILE B 300 -28.10 14.69 15.47
N VAL B 301 -26.81 14.85 15.80
CA VAL B 301 -26.37 15.41 17.11
C VAL B 301 -26.92 16.83 17.33
N ALA B 302 -26.87 17.65 16.29
CA ALA B 302 -27.42 19.03 16.31
C ALA B 302 -28.92 19.07 16.63
N LEU B 303 -29.69 18.21 15.95
CA LEU B 303 -31.14 18.11 16.14
C LEU B 303 -31.59 17.41 17.44
N THR B 304 -30.78 16.48 17.97
CA THR B 304 -31.08 15.80 19.24
C THR B 304 -30.89 16.74 20.43
C2 A1LY1 C . 10.47 -9.55 0.08
C3 A1LY1 C . 10.99 -10.38 -1.09
C5 A1LY1 C . 12.87 -10.46 -2.67
C6 A1LY1 C . 13.72 -9.66 -3.66
C7 A1LY1 C . 12.78 -9.01 -4.68
C8 A1LY1 C . 11.90 -8.00 -3.92
C11 A1LY1 C . 13.43 -8.88 -7.10
C12 A1LY1 C . 14.12 -8.33 -8.16
C17 A1LY1 C . 16.49 -4.56 -10.31
C18 A1LY1 C . 17.10 -5.08 -11.48
C19 A1LY1 C . 17.68 -4.22 -12.43
C21 A1LY1 C . 17.00 -2.37 -11.04
N22 A1LY1 C . 16.47 -3.22 -10.16
C24 A1LY1 C . 18.31 -4.11 -14.71
C27 A1LY1 C . 18.44 -2.59 -17.08
C31 A1LY1 C . 15.27 -5.39 -15.86
C32 A1LY1 C . 16.04 -6.71 -15.84
C34 A1LY1 C . 17.08 -8.31 -14.37
C36 A1LY1 C . 20.18 -1.58 -18.07
C37 A1LY1 C . 20.71 -2.16 -16.99
C38 A1LY1 C . 18.01 -1.32 -19.15
C40 A1LY1 C . 17.58 -0.65 -21.50
O41 A1LY1 C . 16.90 -0.91 -18.84
O1 A1LY1 C . 11.55 -8.87 0.73
N4 A1LY1 C . 11.84 -9.60 -2.02
C9 A1LY1 C . 11.02 -8.79 -2.94
C10 A1LY1 C . 13.56 -8.36 -5.81
C13 A1LY1 C . 14.97 -7.22 -7.96
C14 A1LY1 C . 15.70 -6.64 -9.14
O15 A1LY1 C . 16.13 -7.44 -9.95
N16 A1LY1 C . 15.86 -5.29 -9.27
C20 A1LY1 C . 17.61 -2.83 -12.20
O23 A1LY1 C . 18.24 -4.80 -13.55
C25 A1LY1 C . 19.53 -3.59 -15.12
C26 A1LY1 C . 19.61 -2.83 -16.30
C28 A1LY1 C . 17.22 -3.11 -16.65
C29 A1LY1 C . 17.15 -3.87 -15.48
O30 A1LY1 C . 15.94 -4.38 -15.10
O33 A1LY1 C . 16.38 -7.06 -14.49
N35 A1LY1 C . 18.82 -1.83 -18.18
N39 A1LY1 C . 18.42 -1.21 -20.43
C42 A1LY1 C . 15.11 -6.69 -6.66
C43 A1LY1 C . 14.39 -7.27 -5.59
CL CL D . 29.32 9.51 -13.51
C2 A1LY1 E . -14.06 5.12 37.53
C3 A1LY1 E . -13.65 3.67 37.83
C5 A1LY1 E . -11.60 2.28 37.42
C6 A1LY1 E . -10.44 2.21 36.40
C7 A1LY1 E . -10.99 1.68 35.04
C8 A1LY1 E . -12.15 2.56 34.57
C11 A1LY1 E . -9.91 0.53 33.08
C12 A1LY1 E . -9.00 0.47 32.02
C17 A1LY1 E . -5.98 2.78 28.81
C18 A1LY1 E . -5.21 1.78 28.17
C19 A1LY1 E . -4.37 2.11 27.09
C21 A1LY1 E . -5.10 4.39 27.34
N22 A1LY1 E . -5.88 4.04 28.35
C24 A1LY1 E . -3.33 1.14 25.18
C27 A1LY1 E . -2.63 1.28 22.46
C31 A1LY1 E . -6.26 -0.58 24.32
C32 A1LY1 E . -5.39 -1.83 24.52
C34 A1LY1 E . -4.01 -3.09 25.88
C36 A1LY1 E . -0.65 1.70 21.49
C37 A1LY1 E . -0.38 1.74 22.79
C38 A1LY1 E . -2.53 1.34 20.00
C40 A1LY1 E . -2.39 0.62 17.61
O41 A1LY1 E . -3.59 1.91 19.78
O1 A1LY1 E . -12.92 5.97 37.60
N4 A1LY1 E . -12.69 3.12 36.91
C9 A1LY1 E . -13.25 2.61 35.64
C10 A1LY1 E . -9.97 1.65 33.92
C13 A1LY1 E . -8.12 1.54 31.77
C14 A1LY1 E . -7.13 1.48 30.65
O15 A1LY1 E . -6.63 0.40 30.45
N16 A1LY1 E . -6.86 2.61 29.91
C20 A1LY1 E . -4.32 3.46 26.66
O23 A1LY1 E . -3.65 1.09 26.51
C25 A1LY1 E . -2.01 1.41 24.84
C26 A1LY1 E . -1.65 1.48 23.47
C28 A1LY1 E . -3.94 1.00 22.84
C29 A1LY1 E . -4.31 0.93 24.19
O30 A1LY1 E . -5.59 0.66 24.57
O33 A1LY1 E . -4.82 -1.81 25.83
N35 A1LY1 E . -1.97 1.41 21.24
N39 A1LY1 E . -1.87 0.71 18.98
C42 A1LY1 E . -8.17 2.67 32.63
C43 A1LY1 E . -9.09 2.72 33.67
CL CL F . 9.10 13.65 23.21
#